data_3H25
#
_entry.id   3H25
#
_cell.length_a   85.350
_cell.length_b   85.350
_cell.length_c   68.890
_cell.angle_alpha   90.00
_cell.angle_beta   90.00
_cell.angle_gamma   90.00
#
_symmetry.space_group_name_H-M   'P 43 21 2'
#
loop_
_entity.id
_entity.type
_entity.pdbx_description
1 polymer 'Replication protein B'
2 polymer 'SINGLE STRANDED INITIATOR DNA (SSIA)'
3 water water
#
loop_
_entity_poly.entity_id
_entity_poly.type
_entity_poly.pdbx_seq_one_letter_code
_entity_poly.pdbx_strand_id
1 'polypeptide(L)'
;MGSSHSSGLVPRGSMKNDRTLQAIGRQLKAMGCERFDIGVRDATTGQMMNREWSAAEVLQNTPWLKRMNAQGNDVYIRPA
EQERHGLVLVDDLSEFDLDDMKAEGREPALVVETSPKNYQAWVKVADAAGGELRGQIARTLASEYDADPASADSRHYGRL
AGFTNRKDKHTTRAGYQPWVLLRESKGKTATAGPALVQQAGQQIEQAQRQQEKARRLASLELPERQ
;
A
2 'polydeoxyribonucleotide'
;(DC)(DC)(DT)(DT)(DT)(DC)(DC)(DC)(DC)(DC)(DT)(DA)(DC)(DC)(DC)(DG)(DA)(DA)(DG)(DG)
(DG)(DT)(DG)(DG)(DG)(DG)(DG)
;
C
#
# COMPACT_ATOMS: atom_id res chain seq x y z
N ASP A 18 -12.96 -5.39 -18.80
CA ASP A 18 -13.39 -4.14 -18.10
C ASP A 18 -12.27 -3.52 -17.26
N ARG A 19 -12.51 -2.29 -16.80
CA ARG A 19 -11.50 -1.47 -16.15
C ARG A 19 -11.11 -1.93 -14.74
N THR A 20 -12.02 -2.62 -14.06
CA THR A 20 -11.76 -3.14 -12.72
C THR A 20 -10.65 -4.19 -12.74
N LEU A 21 -10.81 -5.18 -13.62
CA LEU A 21 -9.88 -6.29 -13.76
C LEU A 21 -8.48 -5.81 -14.18
N GLN A 22 -8.43 -4.86 -15.11
CA GLN A 22 -7.17 -4.24 -15.54
C GLN A 22 -6.44 -3.53 -14.42
N ALA A 23 -7.19 -2.85 -13.56
CA ALA A 23 -6.62 -2.10 -12.43
C ALA A 23 -6.02 -3.04 -11.38
N ILE A 24 -6.73 -4.12 -11.07
CA ILE A 24 -6.26 -5.13 -10.13
C ILE A 24 -4.98 -5.79 -10.64
N GLY A 25 -5.03 -6.25 -11.90
CA GLY A 25 -3.90 -6.91 -12.53
C GLY A 25 -2.65 -6.06 -12.52
N ARG A 26 -2.77 -4.82 -12.96
CA ARG A 26 -1.67 -3.86 -12.96
C ARG A 26 -1.11 -3.65 -11.54
N GLN A 27 -2.01 -3.55 -10.57
CA GLN A 27 -1.62 -3.35 -9.17
C GLN A 27 -0.86 -4.55 -8.59
N LEU A 28 -1.37 -5.77 -8.84
CA LEU A 28 -0.72 -7.00 -8.39
C LEU A 28 0.67 -7.13 -9.00
N LYS A 29 0.80 -6.73 -10.27
CA LYS A 29 2.08 -6.72 -10.96
C LYS A 29 3.04 -5.69 -10.35
N ALA A 30 2.52 -4.51 -10.04
CA ALA A 30 3.34 -3.43 -9.48
C ALA A 30 3.80 -3.72 -8.05
N MET A 31 2.91 -4.33 -7.26
CA MET A 31 3.24 -4.75 -5.91
C MET A 31 4.23 -5.93 -5.93
N GLY A 32 4.03 -6.82 -6.90
CA GLY A 32 4.98 -7.90 -7.17
C GLY A 32 4.93 -9.12 -6.27
N CYS A 33 4.04 -9.11 -5.28
CA CYS A 33 3.94 -10.20 -4.31
C CYS A 33 3.34 -11.46 -4.92
N GLU A 34 3.76 -12.62 -4.40
CA GLU A 34 3.17 -13.89 -4.78
C GLU A 34 1.82 -14.11 -4.10
N ARG A 35 1.71 -13.62 -2.86
CA ARG A 35 0.50 -13.78 -2.05
C ARG A 35 0.08 -12.47 -1.37
N PHE A 36 -1.23 -12.26 -1.27
CA PHE A 36 -1.80 -11.03 -0.73
C PHE A 36 -2.83 -11.29 0.37
N ASP A 37 -2.95 -10.36 1.31
CA ASP A 37 -4.11 -10.28 2.20
C ASP A 37 -5.12 -9.33 1.57
N ILE A 38 -6.34 -9.82 1.37
CA ILE A 38 -7.42 -8.99 0.85
C ILE A 38 -8.42 -8.68 1.96
N GLY A 39 -8.52 -7.40 2.31
CA GLY A 39 -9.43 -6.94 3.35
C GLY A 39 -10.72 -6.43 2.77
N VAL A 40 -11.84 -6.93 3.31
CA VAL A 40 -13.17 -6.48 2.89
C VAL A 40 -13.89 -5.88 4.09
N ARG A 41 -13.95 -4.55 4.13
CA ARG A 41 -14.46 -3.82 5.28
C ARG A 41 -15.93 -3.45 5.08
N ASP A 42 -16.76 -3.88 6.03
CA ASP A 42 -18.20 -3.57 6.02
C ASP A 42 -18.41 -2.11 6.40
N ALA A 43 -19.09 -1.38 5.52
CA ALA A 43 -19.29 0.07 5.68
C ALA A 43 -20.16 0.43 6.89
N THR A 44 -21.02 -0.49 7.31
CA THR A 44 -21.89 -0.27 8.47
C THR A 44 -21.15 -0.48 9.79
N THR A 45 -20.55 -1.65 9.95
CA THR A 45 -19.94 -2.05 11.23
C THR A 45 -18.46 -1.70 11.37
N GLY A 46 -17.78 -1.45 10.26
CA GLY A 46 -16.35 -1.17 10.26
C GLY A 46 -15.52 -2.44 10.40
N GLN A 47 -16.17 -3.58 10.29
CA GLN A 47 -15.52 -4.88 10.43
C GLN A 47 -14.74 -5.28 9.21
N MET A 48 -13.47 -5.62 9.41
CA MET A 48 -12.61 -6.09 8.34
C MET A 48 -12.65 -7.61 8.23
N MET A 49 -12.81 -8.09 7.01
CA MET A 49 -12.76 -9.51 6.70
C MET A 49 -11.47 -9.76 5.91
N ASN A 50 -10.62 -10.66 6.42
CA ASN A 50 -9.34 -10.94 5.78
C ASN A 50 -9.33 -12.27 5.04
N ARG A 51 -8.70 -12.28 3.87
CA ARG A 51 -8.55 -13.47 3.04
C ARG A 51 -7.16 -13.48 2.46
N GLU A 52 -6.36 -14.48 2.84
CA GLU A 52 -5.05 -14.65 2.24
C GLU A 52 -5.18 -15.42 0.93
N TRP A 53 -4.84 -14.74 -0.16
CA TRP A 53 -4.92 -15.32 -1.49
C TRP A 53 -3.62 -15.11 -2.25
N SER A 54 -3.29 -16.08 -3.11
CA SER A 54 -2.24 -15.89 -4.10
C SER A 54 -2.73 -14.91 -5.16
N ALA A 55 -1.80 -14.29 -5.89
CA ALA A 55 -2.14 -13.32 -6.93
C ALA A 55 -3.21 -13.84 -7.90
N ALA A 56 -3.12 -15.12 -8.27
CA ALA A 56 -4.08 -15.75 -9.17
C ALA A 56 -5.46 -15.95 -8.51
N GLU A 57 -5.45 -16.23 -7.21
CA GLU A 57 -6.70 -16.39 -6.43
C GLU A 57 -7.42 -15.05 -6.26
N VAL A 58 -6.66 -13.98 -6.04
CA VAL A 58 -7.20 -12.63 -5.96
C VAL A 58 -8.00 -12.32 -7.23
N LEU A 59 -7.39 -12.56 -8.39
CA LEU A 59 -8.04 -12.32 -9.67
C LEU A 59 -9.22 -13.25 -9.92
N GLN A 60 -9.11 -14.49 -9.41
CA GLN A 60 -10.17 -15.48 -9.53
C GLN A 60 -11.44 -15.05 -8.78
N ASN A 61 -11.27 -14.43 -7.62
CA ASN A 61 -12.38 -14.02 -6.78
C ASN A 61 -12.86 -12.58 -7.02
N THR A 62 -12.52 -12.04 -8.19
CA THR A 62 -12.92 -10.68 -8.58
C THR A 62 -14.45 -10.49 -8.64
N PRO A 63 -15.18 -11.46 -9.24
CA PRO A 63 -16.66 -11.37 -9.22
C PRO A 63 -17.27 -11.25 -7.82
N TRP A 64 -16.72 -12.00 -6.85
CA TRP A 64 -17.16 -11.90 -5.46
C TRP A 64 -16.81 -10.54 -4.87
N LEU A 65 -15.59 -10.09 -5.13
CA LEU A 65 -15.14 -8.76 -4.70
C LEU A 65 -16.00 -7.66 -5.31
N LYS A 66 -16.43 -7.86 -6.56
CA LYS A 66 -17.36 -6.94 -7.22
C LYS A 66 -18.71 -6.90 -6.52
N ARG A 67 -19.19 -8.08 -6.09
CA ARG A 67 -20.48 -8.19 -5.41
C ARG A 67 -20.48 -7.53 -4.04
N MET A 68 -19.47 -7.85 -3.23
CA MET A 68 -19.32 -7.28 -1.89
C MET A 68 -19.22 -5.75 -1.94
N ASN A 69 -18.43 -5.26 -2.90
CA ASN A 69 -18.28 -3.83 -3.14
C ASN A 69 -19.61 -3.15 -3.47
N ALA A 70 -20.37 -3.79 -4.37
CA ALA A 70 -21.71 -3.32 -4.75
C ALA A 70 -22.70 -3.41 -3.59
N GLN A 71 -22.46 -4.35 -2.68
CA GLN A 71 -23.24 -4.49 -1.46
C GLN A 71 -22.70 -3.62 -0.30
N GLY A 72 -21.87 -2.64 -0.64
CA GLY A 72 -21.36 -1.67 0.33
C GLY A 72 -20.21 -2.18 1.19
N ASN A 73 -19.14 -2.61 0.54
CA ASN A 73 -17.92 -3.02 1.23
C ASN A 73 -16.69 -2.41 0.55
N ASP A 74 -15.79 -1.86 1.35
CA ASP A 74 -14.54 -1.32 0.85
C ASP A 74 -13.53 -2.45 0.71
N VAL A 75 -12.74 -2.41 -0.37
CA VAL A 75 -11.80 -3.48 -0.70
C VAL A 75 -10.37 -2.99 -0.51
N TYR A 76 -9.62 -3.70 0.33
CA TYR A 76 -8.25 -3.33 0.68
C TYR A 76 -7.25 -4.42 0.33
N ILE A 77 -5.98 -4.03 0.23
CA ILE A 77 -4.91 -4.94 -0.16
C ILE A 77 -3.59 -4.67 0.58
N ARG A 78 -2.88 -5.75 0.91
CA ARG A 78 -1.54 -5.70 1.48
C ARG A 78 -0.87 -7.05 1.21
N PRO A 79 0.48 -7.09 1.20
CA PRO A 79 1.21 -8.36 1.07
C PRO A 79 0.85 -9.34 2.19
N ALA A 80 0.91 -10.63 1.87
CA ALA A 80 0.67 -11.68 2.86
C ALA A 80 1.70 -11.61 3.99
N GLU A 81 1.30 -12.11 5.17
CA GLU A 81 2.13 -12.01 6.37
C GLU A 81 3.53 -12.59 6.19
N GLN A 82 3.62 -13.76 5.54
CA GLN A 82 4.89 -14.45 5.34
C GLN A 82 5.53 -14.16 3.98
N GLU A 83 5.09 -13.09 3.33
CA GLU A 83 5.62 -12.67 2.04
C GLU A 83 6.92 -11.88 2.24
N ARG A 84 7.96 -12.26 1.51
CA ARG A 84 9.22 -11.51 1.50
C ARG A 84 9.10 -10.35 0.52
N HIS A 85 9.10 -9.13 1.04
CA HIS A 85 8.90 -7.92 0.22
C HIS A 85 9.51 -6.67 0.85
N GLY A 86 9.60 -5.61 0.06
CA GLY A 86 10.10 -4.32 0.52
C GLY A 86 9.13 -3.18 0.29
N LEU A 87 7.84 -3.50 0.24
CA LEU A 87 6.77 -2.54 0.01
C LEU A 87 6.39 -1.79 1.28
N VAL A 88 6.27 -0.47 1.17
CA VAL A 88 5.91 0.39 2.30
C VAL A 88 4.81 1.37 1.87
N LEU A 89 3.71 1.37 2.61
CA LEU A 89 2.57 2.25 2.29
C LEU A 89 2.73 3.65 2.86
N VAL A 90 2.40 4.64 2.04
CA VAL A 90 2.38 6.04 2.45
C VAL A 90 0.99 6.59 2.08
N ASP A 91 0.20 6.93 3.09
CA ASP A 91 -1.22 7.24 2.91
C ASP A 91 -1.53 8.71 3.16
N ASP A 92 -2.56 9.20 2.45
CA ASP A 92 -3.04 10.59 2.57
C ASP A 92 -2.03 11.57 1.94
N LEU A 93 -1.88 11.46 0.63
CA LEU A 93 -0.95 12.29 -0.13
C LEU A 93 -1.66 13.15 -1.18
N SER A 94 -1.07 14.29 -1.50
CA SER A 94 -1.52 15.12 -2.61
C SER A 94 -0.59 14.85 -3.79
N GLU A 95 -0.93 15.41 -4.96
CA GLU A 95 -0.10 15.26 -6.16
C GLU A 95 1.19 16.09 -6.10
N PHE A 96 1.21 17.09 -5.21
CA PHE A 96 2.43 17.85 -4.94
C PHE A 96 3.38 17.03 -4.07
N ASP A 97 2.80 16.24 -3.16
CA ASP A 97 3.57 15.33 -2.30
C ASP A 97 4.24 14.23 -3.13
N LEU A 98 3.52 13.74 -4.15
CA LEU A 98 4.06 12.75 -5.08
C LEU A 98 5.22 13.30 -5.88
N ASP A 99 5.11 14.57 -6.28
CA ASP A 99 6.18 15.26 -6.98
C ASP A 99 7.41 15.44 -6.09
N ASP A 100 7.18 15.69 -4.81
CA ASP A 100 8.26 15.79 -3.82
C ASP A 100 8.95 14.45 -3.64
N MET A 101 8.15 13.38 -3.52
CA MET A 101 8.67 12.02 -3.39
C MET A 101 9.57 11.65 -4.56
N LYS A 102 9.06 11.87 -5.78
CA LYS A 102 9.80 11.58 -7.01
C LYS A 102 11.09 12.39 -7.14
N ALA A 103 11.06 13.63 -6.64
CA ALA A 103 12.22 14.53 -6.71
C ALA A 103 13.26 14.24 -5.62
N GLU A 104 12.86 13.48 -4.60
CA GLU A 104 13.73 13.18 -3.47
C GLU A 104 14.18 11.71 -3.42
N GLY A 105 13.87 10.96 -4.49
CA GLY A 105 14.31 9.57 -4.61
C GLY A 105 13.35 8.57 -3.99
N ARG A 106 12.17 9.05 -3.61
CA ARG A 106 11.14 8.19 -3.01
C ARG A 106 10.03 7.90 -4.01
N GLU A 107 10.44 7.55 -5.24
CA GLU A 107 9.50 7.22 -6.31
C GLU A 107 8.64 6.03 -5.92
N PRO A 108 7.31 6.18 -5.98
CA PRO A 108 6.38 5.10 -5.62
C PRO A 108 6.47 3.94 -6.62
N ALA A 109 6.15 2.73 -6.16
CA ALA A 109 6.01 1.58 -7.05
C ALA A 109 4.64 1.62 -7.73
N LEU A 110 3.69 2.26 -7.06
CA LEU A 110 2.35 2.51 -7.61
C LEU A 110 1.64 3.63 -6.86
N VAL A 111 0.81 4.38 -7.57
CA VAL A 111 0.00 5.45 -6.98
C VAL A 111 -1.48 5.13 -7.15
N VAL A 112 -2.22 5.22 -6.04
CA VAL A 112 -3.64 4.88 -6.01
C VAL A 112 -4.49 6.07 -5.56
N GLU A 113 -5.44 6.47 -6.40
CA GLU A 113 -6.38 7.53 -6.06
C GLU A 113 -7.55 6.95 -5.26
N THR A 114 -7.49 7.13 -3.95
CA THR A 114 -8.48 6.55 -3.03
C THR A 114 -9.86 7.17 -3.19
N SER A 115 -9.89 8.48 -3.37
CA SER A 115 -11.09 9.23 -3.70
C SER A 115 -10.64 10.47 -4.49
N PRO A 116 -11.54 11.08 -5.29
CA PRO A 116 -11.14 12.20 -6.14
C PRO A 116 -10.13 13.13 -5.48
N LYS A 117 -8.96 13.27 -6.12
CA LYS A 117 -7.89 14.17 -5.69
C LYS A 117 -7.28 13.83 -4.32
N ASN A 118 -7.49 12.58 -3.88
CA ASN A 118 -6.87 12.05 -2.66
C ASN A 118 -6.09 10.78 -3.02
N TYR A 119 -4.82 10.74 -2.63
CA TYR A 119 -3.90 9.70 -3.09
C TYR A 119 -3.19 8.95 -1.97
N GLN A 120 -2.68 7.77 -2.31
CA GLN A 120 -1.76 7.01 -1.47
C GLN A 120 -0.76 6.27 -2.35
N ALA A 121 0.39 5.93 -1.79
CA ALA A 121 1.46 5.32 -2.58
C ALA A 121 2.16 4.17 -1.87
N TRP A 122 2.57 3.17 -2.65
CA TRP A 122 3.40 2.09 -2.18
C TRP A 122 4.83 2.34 -2.65
N VAL A 123 5.78 2.30 -1.73
CA VAL A 123 7.18 2.53 -2.07
C VAL A 123 7.96 1.22 -1.87
N LYS A 124 8.65 0.80 -2.92
CA LYS A 124 9.51 -0.38 -2.84
C LYS A 124 10.94 0.05 -2.53
N VAL A 125 11.45 -0.40 -1.39
CA VAL A 125 12.80 -0.06 -0.95
C VAL A 125 13.82 -1.14 -1.31
N ALA A 126 13.35 -2.37 -1.46
CA ALA A 126 14.18 -3.52 -1.82
C ALA A 126 13.30 -4.69 -2.26
N ASP A 127 13.93 -5.74 -2.79
CA ASP A 127 13.23 -6.97 -3.15
C ASP A 127 12.66 -7.64 -1.89
N ALA A 128 13.35 -7.46 -0.78
CA ALA A 128 12.94 -8.01 0.52
C ALA A 128 13.47 -7.14 1.67
N ALA A 129 12.60 -6.88 2.63
CA ALA A 129 12.97 -6.18 3.87
C ALA A 129 12.10 -6.64 5.02
N GLY A 130 12.69 -6.78 6.20
CA GLY A 130 11.98 -7.22 7.40
C GLY A 130 10.95 -6.21 7.87
N GLY A 131 9.96 -6.70 8.63
CA GLY A 131 8.89 -5.87 9.16
C GLY A 131 9.38 -4.72 10.02
N GLU A 132 10.47 -4.97 10.75
CA GLU A 132 11.06 -3.98 11.65
C GLU A 132 11.72 -2.83 10.88
N LEU A 133 12.28 -3.13 9.71
CA LEU A 133 12.84 -2.10 8.83
C LEU A 133 11.72 -1.35 8.10
N ARG A 134 10.77 -2.10 7.55
CA ARG A 134 9.61 -1.53 6.86
C ARG A 134 8.75 -0.65 7.77
N GLY A 135 8.71 -1.01 9.05
CA GLY A 135 7.99 -0.24 10.07
C GLY A 135 8.65 1.10 10.35
N GLN A 136 9.99 1.10 10.42
CA GLN A 136 10.77 2.30 10.64
C GLN A 136 10.69 3.25 9.44
N ILE A 137 10.84 2.68 8.24
CA ILE A 137 10.76 3.45 6.99
C ILE A 137 9.38 4.07 6.80
N ALA A 138 8.32 3.34 7.17
CA ALA A 138 6.95 3.85 7.11
C ALA A 138 6.74 5.10 7.98
N ARG A 139 7.32 5.09 9.17
CA ARG A 139 7.26 6.23 10.08
C ARG A 139 8.03 7.44 9.55
N THR A 140 9.18 7.16 8.92
CA THR A 140 10.01 8.20 8.32
C THR A 140 9.33 8.82 7.10
N LEU A 141 8.80 7.96 6.22
CA LEU A 141 8.12 8.40 4.99
C LEU A 141 6.86 9.21 5.28
N ALA A 142 6.16 8.84 6.35
CA ALA A 142 4.95 9.55 6.79
C ALA A 142 5.28 10.94 7.32
N SER A 143 6.43 11.05 7.97
CA SER A 143 6.92 12.33 8.50
C SER A 143 7.46 13.22 7.39
N GLU A 144 8.18 12.62 6.44
CA GLU A 144 8.79 13.34 5.32
C GLU A 144 7.78 14.07 4.43
N TYR A 145 6.58 13.51 4.30
CA TYR A 145 5.59 14.02 3.36
C TYR A 145 4.22 14.26 4.00
N ASP A 146 4.23 14.51 5.31
CA ASP A 146 3.03 14.81 6.10
C ASP A 146 1.88 13.84 5.88
N ALA A 147 2.22 12.55 5.77
CA ALA A 147 1.24 11.50 5.58
C ALA A 147 0.58 11.11 6.90
N ASP A 148 -0.51 10.36 6.81
CA ASP A 148 -1.27 9.91 7.99
C ASP A 148 -0.42 8.98 8.87
N PRO A 149 -0.08 9.43 10.10
CA PRO A 149 0.80 8.67 11.01
C PRO A 149 0.19 7.35 11.48
N ALA A 150 -1.14 7.27 11.49
CA ALA A 150 -1.85 6.05 11.85
C ALA A 150 -1.61 4.93 10.83
N SER A 151 -1.45 5.33 9.58
CA SER A 151 -1.23 4.39 8.48
C SER A 151 0.23 3.93 8.37
N ALA A 152 1.08 4.45 9.26
CA ALA A 152 2.51 4.13 9.26
C ALA A 152 2.85 2.91 10.13
N ASP A 153 2.60 1.73 9.57
CA ASP A 153 3.07 0.47 10.16
C ASP A 153 3.25 -0.58 9.06
N SER A 154 4.08 -1.58 9.34
CA SER A 154 4.50 -2.58 8.35
C SER A 154 3.39 -3.51 7.83
N ARG A 155 2.18 -3.38 8.37
CA ARG A 155 1.07 -4.24 7.96
C ARG A 155 -0.22 -3.49 7.64
N HIS A 156 -0.12 -2.19 7.37
CA HIS A 156 -1.31 -1.38 7.09
C HIS A 156 -1.90 -1.70 5.72
N TYR A 157 -3.24 -1.75 5.66
CA TYR A 157 -3.96 -2.02 4.42
C TYR A 157 -3.98 -0.82 3.48
N GLY A 158 -3.75 -1.06 2.20
CA GLY A 158 -3.92 -0.06 1.16
C GLY A 158 -5.18 -0.38 0.37
N ARG A 159 -5.73 0.63 -0.29
CA ARG A 159 -6.88 0.45 -1.16
C ARG A 159 -6.53 -0.35 -2.41
N LEU A 160 -7.43 -1.24 -2.81
CA LEU A 160 -7.28 -1.97 -4.06
C LEU A 160 -8.07 -1.24 -5.15
N ALA A 161 -7.35 -0.79 -6.18
CA ALA A 161 -7.96 -0.08 -7.30
C ALA A 161 -8.89 -0.99 -8.12
N GLY A 162 -9.87 -0.37 -8.75
CA GLY A 162 -10.87 -1.10 -9.53
C GLY A 162 -12.16 -1.29 -8.76
N PHE A 163 -12.22 -0.73 -7.55
CA PHE A 163 -13.41 -0.80 -6.71
C PHE A 163 -13.87 0.59 -6.29
N THR A 164 -15.14 0.68 -5.92
CA THR A 164 -15.76 1.93 -5.51
C THR A 164 -15.42 2.26 -4.05
N ASN A 165 -15.16 3.53 -3.79
CA ASN A 165 -14.97 4.02 -2.42
C ASN A 165 -16.34 4.22 -1.76
N ARG A 166 -16.58 3.46 -0.69
CA ARG A 166 -17.91 3.39 -0.07
C ARG A 166 -18.13 4.39 1.08
N LYS A 167 -17.05 4.85 1.71
CA LYS A 167 -17.15 5.83 2.79
C LYS A 167 -17.45 7.23 2.25
N ASP A 168 -16.74 7.63 1.20
CA ASP A 168 -17.03 8.86 0.47
C ASP A 168 -18.35 8.69 -0.29
N LYS A 169 -19.20 9.73 -0.38
CA LYS A 169 -19.02 11.10 0.14
C LYS A 169 -18.09 11.94 -0.74
N GLN A 177 -20.98 6.60 -6.03
CA GLN A 177 -19.72 6.33 -5.34
C GLN A 177 -18.55 6.33 -6.32
N PRO A 178 -17.47 7.08 -6.00
CA PRO A 178 -16.35 7.21 -6.93
C PRO A 178 -15.44 5.97 -6.99
N TRP A 179 -14.96 5.68 -8.19
CA TRP A 179 -14.03 4.56 -8.40
C TRP A 179 -12.63 4.87 -7.87
N VAL A 180 -12.03 3.89 -7.21
CA VAL A 180 -10.63 3.96 -6.81
C VAL A 180 -9.78 3.66 -8.04
N LEU A 181 -8.88 4.58 -8.37
CA LEU A 181 -8.13 4.51 -9.62
C LEU A 181 -6.64 4.28 -9.41
N LEU A 182 -6.04 3.47 -10.27
CA LEU A 182 -4.60 3.27 -10.27
C LEU A 182 -3.97 4.25 -11.25
N ARG A 183 -3.36 5.30 -10.70
CA ARG A 183 -2.77 6.37 -11.51
C ARG A 183 -1.52 5.91 -12.25
N GLU A 184 -0.57 5.35 -11.50
CA GLU A 184 0.66 4.80 -12.09
C GLU A 184 1.11 3.55 -11.34
N SER A 185 1.84 2.67 -12.04
CA SER A 185 2.22 1.37 -11.51
C SER A 185 3.49 0.85 -12.20
N LYS A 186 4.56 1.61 -12.09
CA LYS A 186 5.85 1.26 -12.71
C LYS A 186 6.56 0.12 -11.99
N GLY A 187 6.37 0.04 -10.67
CA GLY A 187 6.85 -1.08 -9.87
C GLY A 187 8.35 -1.19 -9.66
N LYS A 188 9.07 -0.11 -9.97
CA LYS A 188 10.53 -0.09 -9.82
C LYS A 188 10.95 0.30 -8.41
N THR A 189 12.06 -0.28 -7.96
CA THR A 189 12.65 0.07 -6.66
C THR A 189 12.97 1.56 -6.62
N ALA A 190 12.61 2.20 -5.51
CA ALA A 190 12.91 3.62 -5.32
C ALA A 190 14.42 3.85 -5.32
N THR A 191 14.84 5.00 -5.85
CA THR A 191 16.26 5.38 -5.89
C THR A 191 16.86 5.45 -4.49
N ALA A 192 16.07 5.98 -3.55
CA ALA A 192 16.48 6.05 -2.15
C ALA A 192 16.21 4.76 -1.39
N GLY A 193 15.68 3.76 -2.10
CA GLY A 193 15.37 2.45 -1.53
C GLY A 193 16.47 1.83 -0.68
N PRO A 194 17.60 1.44 -1.30
CA PRO A 194 18.76 0.90 -0.58
C PRO A 194 19.25 1.80 0.54
N ALA A 195 19.17 3.12 0.33
CA ALA A 195 19.59 4.11 1.32
C ALA A 195 18.66 4.15 2.52
N LEU A 196 17.35 4.04 2.26
CA LEU A 196 16.33 4.02 3.30
C LEU A 196 16.46 2.81 4.22
N VAL A 197 16.89 1.68 3.66
CA VAL A 197 17.13 0.46 4.43
C VAL A 197 18.36 0.63 5.30
N GLN A 198 19.43 1.21 4.74
CA GLN A 198 20.68 1.46 5.44
C GLN A 198 20.49 2.39 6.65
N GLN A 199 19.72 3.45 6.46
CA GLN A 199 19.47 4.45 7.49
C GLN A 199 18.60 3.88 8.61
N ALA A 200 17.55 3.15 8.23
CA ALA A 200 16.65 2.52 9.19
C ALA A 200 17.38 1.50 10.06
N GLY A 201 18.28 0.75 9.45
CA GLY A 201 19.12 -0.22 10.17
C GLY A 201 19.96 0.40 11.25
N GLN A 202 20.60 1.53 10.93
CA GLN A 202 21.41 2.28 11.89
C GLN A 202 20.57 2.86 13.02
N GLN A 203 19.43 3.45 12.64
CA GLN A 203 18.49 4.03 13.60
C GLN A 203 17.92 2.97 14.57
N ILE A 204 17.67 1.77 14.05
CA ILE A 204 17.16 0.66 14.87
C ILE A 204 18.20 0.18 15.88
N GLU A 205 19.42 -0.09 15.40
CA GLU A 205 20.48 -0.60 16.28
C GLU A 205 21.03 0.44 17.25
N GLN A 206 20.92 1.72 16.89
CA GLN A 206 21.27 2.81 17.80
C GLN A 206 20.24 2.92 18.92
N ALA A 207 18.98 2.68 18.58
CA ALA A 207 17.89 2.63 19.57
C ALA A 207 17.98 1.36 20.41
N GLN A 208 18.47 0.28 19.81
CA GLN A 208 18.71 -0.99 20.49
C GLN A 208 19.87 -0.89 21.47
N ARG A 209 20.87 -0.07 21.12
CA ARG A 209 22.01 0.21 22.00
C ARG A 209 21.59 1.04 23.22
N GLN A 210 20.58 1.88 23.04
CA GLN A 210 19.98 2.63 24.15
C GLN A 210 19.02 1.73 24.93
N GLN A 211 19.60 0.72 25.58
CA GLN A 211 18.86 -0.27 26.35
C GLN A 211 19.02 -0.03 27.85
N GLU A 212 20.15 0.57 28.24
CA GLU A 212 20.45 0.86 29.64
C GLU A 212 19.94 2.24 30.04
#